data_7K4O
#
_entry.id   7K4O
#
_cell.length_a   170.920
_cell.length_b   170.920
_cell.length_c   111.061
_cell.angle_alpha   90.000
_cell.angle_beta   90.000
_cell.angle_gamma   120.000
#
_symmetry.space_group_name_H-M   'P 65 2 2'
#
loop_
_entity.id
_entity.type
_entity.pdbx_description
1 polymer 'Carboxylic ester hydrolase'
2 branched alpha-D-mannopyranose-(1-2)-alpha-D-mannopyranose-(1-6)-[alpha-D-mannopyranose-(1-3)]alpha-D-mannopyranose-(1-6)-[alpha-D-mannopyranose-(1-3)]beta-D-mannopyranose-(1-4)-2-acetamido-2-deoxy-beta-D-glucopyranose-(1-4)-2-acetamido-2-deoxy-beta-D-glucopyranose
3 branched alpha-D-mannopyranose-(1-2)-alpha-D-mannopyranose-(1-3)-[alpha-D-mannopyranose-(1-6)]beta-D-mannopyranose-(1-4)-2-acetamido-2-deoxy-beta-D-glucopyranose-(1-4)-2-acetamido-2-deoxy-beta-D-glucopyranose
4 branched 2-acetamido-2-deoxy-beta-D-glucopyranose-(1-4)-2-acetamido-2-deoxy-beta-D-glucopyranose
5 non-polymer 2-acetamido-2-deoxy-beta-D-glucopyranose
6 non-polymer '3,4,5-trihydroxybenzoic acid'
7 non-polymer 'CALCIUM ION'
8 non-polymer 'ZINC ION'
9 non-polymer 'CHLORIDE ION'
10 non-polymer 'SODIUM ION'
11 non-polymer 2-[2-(2-ethoxyethoxy)ethoxy]ethanol
12 water water
#
_entity_poly.entity_id   1
_entity_poly.type   'polypeptide(L)'
_entity_poly.pdbx_seq_one_letter_code
;ATPSTLAELCTDSIVKAALPPSEFIQGITIDSDSVTTEVVTNSSVSSEFYPSATINYCNVTFAYSHDGIDGDQVLLEIWL
PAPTDFQNRWLSTGGGGYAINSGDQSLPGGVMYGAASGMTDGGFGGFSNNADTAMLLANGTLDYETLYMFAYKAHRELSL
IGKALTRNVYGMSDSDKLYAYYQGCSEGGREGWSQVQRFGDEWDGAIIGAPAFRWSFQQTQHLYSNVVEKTLDYYPPPCE
LDKIVNETIAACDAMDGKVDWVVARTDLCLLDFDISTIEGKPYSCAASRGTPAQNGTVSAKGIEVAKTIINGLHDSQGRR
VYFSYQPTAAFDDAETQYNSTTGQWGLDIDQLGGEYIALLVDKNGTTLDSLDGVTYDTLKDWMISGLQEYYSTLQTTWPD
LTPFHEAGGKVIHFHGDADFSIPTAASIRYWESVRSIMYPNQDYNSSAEALNEWYRLYTVPGAGHCATNDAMPNGPFPQT
NMAVMIDWVENGVVPTTLNATVLQGENEGQNQQLCAWPLRPLWTNNGTTMECVYNQRSIDSWHYDLDAVPMPVY
;
_entity_poly.pdbx_strand_id   A
#
# COMPACT_ATOMS: atom_id res chain seq x y z
N ALA A 1 -36.72 -9.60 17.35
CA ALA A 1 -36.95 -8.55 16.32
C ALA A 1 -35.82 -8.62 15.29
N THR A 2 -34.55 -8.65 15.70
CA THR A 2 -33.44 -8.52 14.73
C THR A 2 -33.49 -9.71 13.78
N PRO A 3 -33.19 -9.53 12.47
CA PRO A 3 -33.25 -10.64 11.53
C PRO A 3 -32.38 -11.83 11.95
N SER A 4 -32.83 -13.05 11.68
CA SER A 4 -32.08 -14.27 12.05
CA SER A 4 -32.14 -14.30 12.05
CA SER A 4 -32.10 -14.28 12.04
C SER A 4 -31.52 -15.00 10.82
N THR A 5 -32.06 -14.75 9.62
CA THR A 5 -31.51 -15.40 8.40
C THR A 5 -31.00 -14.31 7.45
N LEU A 6 -30.16 -14.71 6.51
CA LEU A 6 -29.71 -13.79 5.44
C LEU A 6 -30.90 -13.29 4.65
N ALA A 7 -31.88 -14.14 4.36
CA ALA A 7 -33.05 -13.70 3.59
C ALA A 7 -33.84 -12.65 4.35
N GLU A 8 -33.93 -12.75 5.68
CA GLU A 8 -34.69 -11.75 6.46
C GLU A 8 -33.92 -10.42 6.53
N LEU A 9 -32.61 -10.51 6.61
CA LEU A 9 -31.68 -9.33 6.75
C LEU A 9 -31.65 -8.54 5.44
N CYS A 10 -31.65 -9.25 4.31
CA CYS A 10 -31.29 -8.62 3.02
C CYS A 10 -32.54 -8.09 2.32
N THR A 11 -33.11 -7.04 2.84
CA THR A 11 -34.25 -6.36 2.23
C THR A 11 -34.04 -4.85 2.31
N ASP A 12 -34.65 -4.13 1.40
CA ASP A 12 -34.51 -2.66 1.40
C ASP A 12 -35.08 -2.11 2.70
N SER A 13 -36.19 -2.66 3.20
CA SER A 13 -36.85 -2.16 4.42
CA SER A 13 -36.87 -2.17 4.42
C SER A 13 -35.92 -2.27 5.62
N ILE A 14 -35.26 -3.42 5.77
CA ILE A 14 -34.36 -3.66 6.94
C ILE A 14 -33.19 -2.68 6.87
N VAL A 15 -32.60 -2.53 5.70
CA VAL A 15 -31.39 -1.66 5.59
C VAL A 15 -31.79 -0.19 5.72
N LYS A 16 -32.89 0.24 5.11
CA LYS A 16 -33.30 1.64 5.24
C LYS A 16 -33.57 1.99 6.70
N ALA A 17 -34.15 1.05 7.47
CA ALA A 17 -34.49 1.32 8.88
C ALA A 17 -33.20 1.37 9.71
N ALA A 18 -32.10 0.74 9.28
CA ALA A 18 -30.84 0.70 10.06
C ALA A 18 -29.90 1.85 9.68
N LEU A 19 -30.14 2.55 8.58
CA LEU A 19 -29.20 3.64 8.21
C LEU A 19 -29.21 4.68 9.33
N PRO A 20 -28.05 5.31 9.61
CA PRO A 20 -28.07 6.47 10.48
C PRO A 20 -28.88 7.56 9.78
N PRO A 21 -29.49 8.46 10.54
CA PRO A 21 -30.20 9.57 9.95
C PRO A 21 -29.29 10.59 9.25
N SER A 22 -29.84 11.31 8.27
CA SER A 22 -29.18 12.53 7.75
C SER A 22 -28.82 13.48 8.91
N GLU A 23 -27.69 14.15 8.78
CA GLU A 23 -27.08 15.08 9.76
C GLU A 23 -26.57 14.36 11.00
N PHE A 24 -26.45 13.04 10.97
CA PHE A 24 -25.76 12.35 12.09
C PHE A 24 -24.29 12.81 12.06
N ILE A 25 -23.77 12.98 10.86
CA ILE A 25 -22.55 13.82 10.61
C ILE A 25 -23.11 15.14 10.07
N GLN A 26 -22.85 16.24 10.77
CA GLN A 26 -23.40 17.51 10.24
C GLN A 26 -22.76 17.77 8.86
N GLY A 27 -23.59 18.10 7.87
CA GLY A 27 -23.15 18.34 6.49
C GLY A 27 -23.33 17.14 5.59
N ILE A 28 -23.79 16.01 6.13
CA ILE A 28 -24.05 14.79 5.34
C ILE A 28 -25.55 14.50 5.27
N THR A 29 -26.09 14.42 4.07
CA THR A 29 -27.48 13.96 3.80
C THR A 29 -27.42 12.58 3.18
N ILE A 30 -28.12 11.63 3.80
CA ILE A 30 -28.15 10.25 3.28
C ILE A 30 -29.44 10.04 2.48
N ASP A 31 -29.34 9.50 1.28
CA ASP A 31 -30.52 9.28 0.39
C ASP A 31 -31.10 7.87 0.67
N SER A 32 -32.08 7.78 1.54
CA SER A 32 -32.69 6.48 1.93
CA SER A 32 -32.73 6.49 1.93
CA SER A 32 -32.64 6.45 1.92
C SER A 32 -33.25 5.78 0.69
N ASP A 33 -33.82 6.51 -0.23
CA ASP A 33 -34.45 5.89 -1.42
C ASP A 33 -33.45 5.24 -2.34
N SER A 34 -32.14 5.49 -2.18
CA SER A 34 -31.10 4.97 -3.07
C SER A 34 -30.71 3.57 -2.66
N VAL A 35 -31.17 3.07 -1.52
CA VAL A 35 -30.76 1.72 -1.03
C VAL A 35 -31.04 0.64 -2.05
N THR A 36 -30.05 -0.20 -2.30
CA THR A 36 -30.16 -1.48 -3.02
C THR A 36 -29.71 -2.58 -2.07
N THR A 37 -30.35 -3.75 -2.18
CA THR A 37 -29.94 -4.96 -1.41
C THR A 37 -29.99 -6.14 -2.36
N GLU A 38 -29.06 -7.01 -2.22
CA GLU A 38 -28.96 -8.22 -3.06
C GLU A 38 -28.29 -9.35 -2.28
N VAL A 39 -28.98 -10.48 -2.16
CA VAL A 39 -28.38 -11.71 -1.61
C VAL A 39 -27.37 -12.31 -2.56
N VAL A 40 -26.20 -12.64 -2.07
CA VAL A 40 -25.16 -13.40 -2.79
C VAL A 40 -24.89 -14.68 -2.05
N THR A 41 -25.09 -15.80 -2.72
CA THR A 41 -24.99 -17.13 -2.09
C THR A 41 -23.86 -17.94 -2.71
N ASN A 42 -23.08 -18.61 -1.87
CA ASN A 42 -22.03 -19.55 -2.27
C ASN A 42 -21.04 -18.93 -3.24
N SER A 43 -20.52 -17.74 -2.89
CA SER A 43 -19.48 -17.09 -3.70
C SER A 43 -18.12 -17.63 -3.32
N SER A 44 -17.41 -18.20 -4.29
CA SER A 44 -16.04 -18.69 -4.10
CA SER A 44 -16.03 -18.70 -4.10
C SER A 44 -15.06 -17.52 -4.26
N VAL A 45 -14.21 -17.31 -3.28
CA VAL A 45 -13.31 -16.12 -3.28
C VAL A 45 -11.91 -16.59 -2.97
N SER A 46 -10.93 -15.84 -3.44
CA SER A 46 -9.51 -16.16 -3.24
C SER A 46 -8.72 -14.88 -3.51
N SER A 47 -7.56 -14.81 -2.90
CA SER A 47 -6.68 -13.61 -2.95
C SER A 47 -5.37 -13.99 -2.36
N GLU A 48 -4.31 -13.24 -2.62
CA GLU A 48 -3.08 -13.41 -1.84
C GLU A 48 -3.23 -12.82 -0.43
N PHE A 49 -4.29 -12.06 -0.18
CA PHE A 49 -4.45 -11.33 1.12
C PHE A 49 -5.37 -12.07 2.12
N TYR A 50 -6.08 -13.11 1.68
CA TYR A 50 -6.95 -13.89 2.58
C TYR A 50 -7.01 -15.33 2.10
N PRO A 51 -7.25 -16.26 3.03
CA PRO A 51 -7.44 -17.67 2.64
C PRO A 51 -8.67 -17.84 1.76
N SER A 52 -8.64 -18.90 0.94
CA SER A 52 -9.78 -19.23 0.06
C SER A 52 -10.99 -19.58 0.89
N ALA A 53 -12.15 -19.18 0.43
CA ALA A 53 -13.41 -19.44 1.16
C ALA A 53 -14.58 -19.43 0.20
N THR A 54 -15.70 -19.87 0.71
CA THR A 54 -17.02 -19.70 0.08
C THR A 54 -17.89 -18.89 1.02
N ILE A 55 -18.45 -17.78 0.54
CA ILE A 55 -19.17 -16.81 1.43
C ILE A 55 -20.58 -16.56 0.96
N ASN A 56 -21.44 -16.18 1.91
CA ASN A 56 -22.79 -15.70 1.67
C ASN A 56 -22.87 -14.28 2.28
N TYR A 57 -23.56 -13.37 1.62
CA TYR A 57 -23.72 -11.99 2.16
C TYR A 57 -24.84 -11.26 1.50
N CYS A 58 -25.17 -10.14 2.09
CA CYS A 58 -26.07 -9.12 1.58
C CYS A 58 -25.23 -8.02 0.97
N ASN A 59 -25.33 -7.84 -0.33
CA ASN A 59 -24.64 -6.71 -1.00
C ASN A 59 -25.54 -5.49 -0.91
N VAL A 60 -25.09 -4.45 -0.20
CA VAL A 60 -25.85 -3.20 0.03
C VAL A 60 -25.15 -2.05 -0.70
N THR A 61 -25.89 -1.24 -1.41
CA THR A 61 -25.36 0.08 -1.85
C THR A 61 -26.33 1.17 -1.46
N PHE A 62 -25.82 2.38 -1.30
CA PHE A 62 -26.63 3.58 -1.14
C PHE A 62 -25.75 4.82 -1.34
N ALA A 63 -26.42 5.95 -1.51
CA ALA A 63 -25.78 7.24 -1.84
C ALA A 63 -25.96 8.20 -0.68
N TYR A 64 -24.99 9.12 -0.57
CA TYR A 64 -25.13 10.30 0.30
C TYR A 64 -24.52 11.51 -0.42
N SER A 65 -24.74 12.68 0.15
CA SER A 65 -24.19 13.92 -0.42
CA SER A 65 -24.22 13.94 -0.43
C SER A 65 -23.72 14.87 0.67
N HIS A 66 -22.77 15.75 0.30
CA HIS A 66 -22.28 16.81 1.18
C HIS A 66 -23.17 18.03 0.97
N ASP A 67 -23.75 18.50 2.04
CA ASP A 67 -24.60 19.71 2.03
C ASP A 67 -23.79 20.87 1.42
N GLY A 68 -24.40 21.60 0.50
CA GLY A 68 -23.79 22.84 -0.03
C GLY A 68 -22.93 22.59 -1.25
N ILE A 69 -22.62 21.33 -1.61
CA ILE A 69 -21.80 21.02 -2.81
C ILE A 69 -22.74 20.62 -3.95
N ASP A 70 -22.91 21.51 -4.92
CA ASP A 70 -23.87 21.24 -6.01
CA ASP A 70 -23.85 21.27 -6.04
C ASP A 70 -23.38 20.02 -6.81
N GLY A 71 -24.28 19.11 -7.07
CA GLY A 71 -24.00 17.93 -7.89
C GLY A 71 -23.30 16.80 -7.11
N ASP A 72 -23.02 17.00 -5.83
CA ASP A 72 -22.22 16.01 -5.07
C ASP A 72 -23.03 14.70 -4.88
N GLN A 73 -22.34 13.57 -5.01
CA GLN A 73 -22.90 12.25 -4.65
C GLN A 73 -21.75 11.28 -4.36
N VAL A 74 -21.87 10.58 -3.24
CA VAL A 74 -20.93 9.54 -2.83
C VAL A 74 -21.72 8.22 -2.76
N LEU A 75 -21.16 7.16 -3.28
CA LEU A 75 -21.76 5.81 -3.18
C LEU A 75 -20.91 5.00 -2.17
N LEU A 76 -21.60 4.24 -1.33
CA LEU A 76 -20.97 3.22 -0.50
C LEU A 76 -21.49 1.85 -0.90
N GLU A 77 -20.63 0.87 -0.79
CA GLU A 77 -21.03 -0.54 -0.97
C GLU A 77 -20.55 -1.28 0.27
N ILE A 78 -21.48 -2.01 0.91
CA ILE A 78 -21.19 -2.70 2.18
C ILE A 78 -21.75 -4.12 2.02
N TRP A 79 -20.92 -5.09 2.32
CA TRP A 79 -21.36 -6.50 2.34
C TRP A 79 -21.61 -6.90 3.79
N LEU A 80 -22.82 -7.37 4.05
CA LEU A 80 -23.27 -7.78 5.41
C LEU A 80 -23.32 -9.29 5.51
N PRO A 81 -22.56 -9.90 6.41
CA PRO A 81 -22.73 -11.34 6.69
C PRO A 81 -24.15 -11.69 7.12
N ALA A 82 -24.50 -12.94 6.92
CA ALA A 82 -25.72 -13.51 7.50
C ALA A 82 -25.65 -13.27 9.02
N PRO A 83 -26.79 -13.00 9.66
CA PRO A 83 -26.79 -12.78 11.11
C PRO A 83 -26.12 -13.88 11.92
N THR A 84 -26.20 -15.15 11.49
CA THR A 84 -25.59 -16.30 12.18
CA THR A 84 -25.58 -16.23 12.27
C THR A 84 -24.07 -16.23 12.07
N ASP A 85 -23.55 -15.52 11.06
CA ASP A 85 -22.11 -15.48 10.78
C ASP A 85 -21.46 -14.14 11.24
N PHE A 86 -22.26 -13.17 11.60
CA PHE A 86 -21.74 -11.84 12.04
C PHE A 86 -21.07 -11.99 13.40
N GLN A 87 -19.88 -11.43 13.53
CA GLN A 87 -19.05 -11.59 14.75
C GLN A 87 -18.63 -10.23 15.32
N ASN A 88 -19.47 -9.23 15.22
CA ASN A 88 -19.25 -7.94 15.91
C ASN A 88 -17.95 -7.33 15.33
N ARG A 89 -17.82 -7.35 14.00
CA ARG A 89 -16.65 -6.78 13.33
C ARG A 89 -17.11 -5.88 12.19
N TRP A 90 -16.28 -4.86 11.95
CA TRP A 90 -16.37 -3.96 10.78
C TRP A 90 -15.01 -4.03 10.06
N LEU A 91 -15.01 -4.09 8.76
CA LEU A 91 -13.79 -3.96 7.97
C LEU A 91 -13.97 -2.85 6.91
N SER A 92 -13.16 -1.80 7.03
CA SER A 92 -12.97 -0.83 5.94
C SER A 92 -11.95 -1.39 4.95
N THR A 93 -12.14 -1.14 3.65
CA THR A 93 -11.24 -1.54 2.56
C THR A 93 -11.03 -0.32 1.66
N GLY A 94 -9.94 -0.38 0.94
CA GLY A 94 -9.44 0.76 0.16
C GLY A 94 -8.97 0.40 -1.23
N GLY A 95 -8.16 1.30 -1.80
CA GLY A 95 -7.95 1.37 -3.25
C GLY A 95 -6.57 0.90 -3.71
N GLY A 96 -6.15 1.50 -4.82
CA GLY A 96 -4.99 1.08 -5.61
C GLY A 96 -4.86 2.04 -6.80
N GLY A 97 -3.64 2.48 -7.07
CA GLY A 97 -3.45 3.51 -8.11
C GLY A 97 -4.14 4.79 -7.65
N TYR A 98 -4.96 5.39 -8.51
CA TYR A 98 -5.77 6.57 -8.12
C TYR A 98 -7.19 6.15 -7.78
N ALA A 99 -7.45 4.85 -7.61
CA ALA A 99 -8.75 4.33 -7.16
C ALA A 99 -8.77 4.30 -5.63
N ILE A 100 -9.94 4.56 -5.08
CA ILE A 100 -10.13 4.58 -3.61
C ILE A 100 -10.85 3.29 -3.16
N ASN A 101 -11.21 2.44 -4.11
CA ASN A 101 -11.78 1.10 -3.77
C ASN A 101 -11.11 0.05 -4.66
N SER A 102 -11.25 -1.23 -4.30
CA SER A 102 -10.61 -2.33 -5.03
C SER A 102 -11.71 -3.22 -5.65
N GLY A 103 -12.87 -2.66 -5.99
CA GLY A 103 -14.00 -3.43 -6.54
C GLY A 103 -14.41 -4.57 -5.63
N ASP A 104 -14.47 -5.79 -6.17
CA ASP A 104 -14.92 -6.96 -5.36
CA ASP A 104 -14.94 -6.96 -5.36
C ASP A 104 -13.74 -7.65 -4.71
N GLN A 105 -12.56 -7.08 -4.88
CA GLN A 105 -11.36 -7.89 -4.37
CA GLN A 105 -11.35 -7.74 -4.35
C GLN A 105 -11.00 -7.86 -2.83
N SER A 106 -11.38 -6.78 -2.14
CA SER A 106 -11.03 -6.68 -0.70
C SER A 106 -12.21 -7.12 0.19
N LEU A 107 -13.43 -6.78 -0.17
CA LEU A 107 -14.60 -7.01 0.67
C LEU A 107 -14.75 -8.47 1.11
N PRO A 108 -14.41 -9.51 0.32
CA PRO A 108 -14.57 -10.89 0.83
C PRO A 108 -13.74 -11.17 2.07
N GLY A 109 -12.59 -10.49 2.21
CA GLY A 109 -11.65 -10.71 3.30
C GLY A 109 -12.25 -10.29 4.63
N GLY A 110 -13.28 -9.48 4.64
CA GLY A 110 -14.01 -9.17 5.88
C GLY A 110 -15.14 -10.14 6.13
N VAL A 111 -15.95 -10.36 5.12
CA VAL A 111 -17.18 -11.19 5.25
C VAL A 111 -16.78 -12.58 5.75
N MET A 112 -15.66 -13.10 5.30
CA MET A 112 -15.29 -14.48 5.70
C MET A 112 -14.87 -14.53 7.18
N TYR A 113 -14.57 -13.40 7.83
CA TYR A 113 -14.30 -13.32 9.28
C TYR A 113 -15.49 -12.69 10.02
N GLY A 114 -16.69 -12.73 9.44
CA GLY A 114 -17.90 -12.23 10.08
C GLY A 114 -17.93 -10.74 10.27
N ALA A 115 -17.25 -10.00 9.38
CA ALA A 115 -17.25 -8.52 9.42
C ALA A 115 -18.14 -7.97 8.33
N ALA A 116 -19.00 -7.02 8.72
CA ALA A 116 -19.58 -6.07 7.77
C ALA A 116 -18.40 -5.37 7.09
N SER A 117 -18.38 -5.36 5.77
CA SER A 117 -17.18 -4.94 5.01
C SER A 117 -17.58 -3.84 4.01
N GLY A 118 -16.86 -2.73 4.02
CA GLY A 118 -17.26 -1.56 3.22
C GLY A 118 -16.19 -0.99 2.32
N MET A 119 -16.69 -0.34 1.26
CA MET A 119 -15.84 0.49 0.39
C MET A 119 -16.63 1.71 -0.07
N THR A 120 -15.90 2.69 -0.58
CA THR A 120 -16.49 3.95 -1.06
C THR A 120 -16.07 4.18 -2.52
N ASP A 121 -16.89 4.97 -3.20
CA ASP A 121 -16.49 5.51 -4.51
C ASP A 121 -15.85 6.89 -4.37
N GLY A 122 -15.78 7.44 -3.16
CA GLY A 122 -15.05 8.72 -2.96
C GLY A 122 -15.76 9.93 -3.47
N GLY A 123 -16.96 9.81 -4.01
CA GLY A 123 -17.66 10.90 -4.70
C GLY A 123 -17.23 11.03 -6.16
N PHE A 124 -16.52 10.06 -6.73
CA PHE A 124 -15.92 10.24 -8.08
C PHE A 124 -16.87 9.89 -9.21
N GLY A 125 -18.12 9.56 -8.95
CA GLY A 125 -19.12 9.29 -9.99
C GLY A 125 -19.28 7.83 -10.33
N GLY A 126 -19.04 6.94 -9.40
CA GLY A 126 -19.16 5.50 -9.59
C GLY A 126 -17.95 4.78 -9.10
N PHE A 127 -18.08 3.53 -8.65
CA PHE A 127 -16.96 2.76 -8.11
C PHE A 127 -15.82 2.63 -9.11
N SER A 128 -16.12 2.54 -10.42
CA SER A 128 -15.06 2.29 -11.40
C SER A 128 -14.44 3.62 -11.89
N ASN A 129 -14.92 4.76 -11.44
CA ASN A 129 -14.31 6.07 -11.78
C ASN A 129 -13.35 6.47 -10.65
N ASN A 130 -12.17 6.96 -11.01
CA ASN A 130 -11.10 7.14 -10.03
C ASN A 130 -10.85 8.60 -9.73
N ALA A 131 -9.95 8.84 -8.78
CA ALA A 131 -9.74 10.18 -8.24
C ALA A 131 -9.11 11.05 -9.33
N ASP A 132 -8.25 10.47 -10.16
CA ASP A 132 -7.57 11.27 -11.21
C ASP A 132 -8.56 11.82 -12.22
N THR A 133 -9.62 11.08 -12.56
CA THR A 133 -10.64 11.59 -13.51
C THR A 133 -11.50 12.69 -12.89
N ALA A 134 -11.53 12.84 -11.57
CA ALA A 134 -12.35 13.83 -10.87
C ALA A 134 -11.51 14.97 -10.27
N MET A 135 -10.20 14.96 -10.46
CA MET A 135 -9.30 15.84 -9.68
C MET A 135 -9.33 17.28 -10.22
N LEU A 136 -9.67 17.50 -11.50
CA LEU A 136 -9.54 18.85 -12.10
C LEU A 136 -10.90 19.38 -12.49
N LEU A 137 -11.20 20.59 -12.05
CA LEU A 137 -12.38 21.34 -12.54
C LEU A 137 -12.14 21.92 -13.94
N ALA A 138 -10.90 22.25 -14.25
CA ALA A 138 -10.44 22.85 -15.53
C ALA A 138 -8.94 22.68 -15.52
N ASN A 139 -8.30 22.96 -16.65
CA ASN A 139 -6.85 22.99 -16.70
C ASN A 139 -6.38 24.17 -15.85
N GLY A 140 -5.60 23.85 -14.83
CA GLY A 140 -5.12 24.80 -13.81
C GLY A 140 -5.96 24.89 -12.57
N THR A 141 -7.08 24.18 -12.49
CA THR A 141 -8.00 24.35 -11.33
C THR A 141 -8.28 22.99 -10.68
N LEU A 142 -7.65 22.76 -9.55
CA LEU A 142 -8.02 21.55 -8.75
CA LEU A 142 -8.01 21.54 -8.74
C LEU A 142 -9.47 21.55 -8.12
N ASP A 143 -10.08 20.38 -8.17
CA ASP A 143 -11.31 20.15 -7.40
C ASP A 143 -10.83 19.79 -5.97
N TYR A 144 -10.82 20.76 -5.07
CA TYR A 144 -10.35 20.49 -3.69
C TYR A 144 -11.21 19.44 -3.00
N GLU A 145 -12.49 19.34 -3.30
CA GLU A 145 -13.36 18.33 -2.67
C GLU A 145 -12.79 16.94 -3.03
N THR A 146 -12.44 16.73 -4.31
CA THR A 146 -11.84 15.45 -4.73
C THR A 146 -10.55 15.19 -3.97
N LEU A 147 -9.67 16.20 -3.88
CA LEU A 147 -8.41 16.06 -3.17
C LEU A 147 -8.65 15.63 -1.72
N TYR A 148 -9.54 16.33 -1.02
CA TYR A 148 -9.76 16.03 0.42
C TYR A 148 -10.45 14.66 0.57
N MET A 149 -11.45 14.36 -0.24
CA MET A 149 -12.12 13.05 -0.17
C MET A 149 -11.10 11.91 -0.42
N PHE A 150 -10.25 12.02 -1.44
CA PHE A 150 -9.22 10.99 -1.71
C PHE A 150 -8.21 10.93 -0.57
N ALA A 151 -7.76 12.10 -0.09
CA ALA A 151 -6.72 12.21 0.95
C ALA A 151 -7.14 11.46 2.21
N TYR A 152 -8.30 11.79 2.75
CA TYR A 152 -8.71 11.22 4.06
C TYR A 152 -10.19 11.33 4.34
N LYS A 153 -10.94 12.19 3.68
CA LYS A 153 -12.30 12.46 4.19
C LYS A 153 -13.23 11.31 3.84
N ALA A 154 -13.12 10.71 2.67
CA ALA A 154 -14.04 9.63 2.23
C ALA A 154 -13.94 8.43 3.19
N HIS A 155 -12.75 8.09 3.62
CA HIS A 155 -12.61 6.92 4.54
C HIS A 155 -13.16 7.23 5.93
N ARG A 156 -13.02 8.44 6.40
CA ARG A 156 -13.63 8.86 7.67
C ARG A 156 -15.16 8.69 7.60
N GLU A 157 -15.78 9.18 6.52
CA GLU A 157 -17.24 9.10 6.32
C GLU A 157 -17.68 7.63 6.23
N LEU A 158 -16.96 6.84 5.44
CA LEU A 158 -17.26 5.40 5.28
C LEU A 158 -17.28 4.72 6.66
N SER A 159 -16.25 4.94 7.46
CA SER A 159 -16.22 4.28 8.79
C SER A 159 -17.38 4.76 9.64
N LEU A 160 -17.62 6.07 9.72
CA LEU A 160 -18.69 6.57 10.60
C LEU A 160 -20.03 6.00 10.17
N ILE A 161 -20.34 6.06 8.88
CA ILE A 161 -21.65 5.60 8.36
C ILE A 161 -21.76 4.07 8.47
N GLY A 162 -20.74 3.36 8.04
CA GLY A 162 -20.76 1.88 8.00
C GLY A 162 -20.84 1.27 9.39
N LYS A 163 -20.10 1.82 10.34
CA LYS A 163 -20.15 1.31 11.72
C LYS A 163 -21.54 1.54 12.31
N ALA A 164 -22.16 2.68 12.08
CA ALA A 164 -23.49 2.96 12.62
C ALA A 164 -24.51 2.00 11.97
N LEU A 165 -24.47 1.82 10.66
CA LEU A 165 -25.38 0.90 9.95
C LEU A 165 -25.22 -0.52 10.54
N THR A 166 -23.99 -0.97 10.73
CA THR A 166 -23.66 -2.34 11.20
C THR A 166 -24.24 -2.49 12.62
N ARG A 167 -24.02 -1.53 13.51
CA ARG A 167 -24.62 -1.63 14.88
CA ARG A 167 -24.61 -1.63 14.89
C ARG A 167 -26.13 -1.73 14.82
N ASN A 168 -26.76 -0.93 13.99
CA ASN A 168 -28.24 -0.90 13.92
C ASN A 168 -28.77 -2.19 13.30
N VAL A 169 -28.19 -2.67 12.22
CA VAL A 169 -28.81 -3.74 11.41
C VAL A 169 -28.72 -5.07 12.14
N TYR A 170 -27.70 -5.28 12.98
CA TYR A 170 -27.53 -6.54 13.73
C TYR A 170 -28.10 -6.40 15.15
N GLY A 171 -28.67 -5.26 15.48
CA GLY A 171 -29.31 -5.07 16.82
C GLY A 171 -28.30 -5.04 17.94
N MET A 172 -27.11 -4.49 17.69
CA MET A 172 -26.09 -4.36 18.75
C MET A 172 -26.55 -3.30 19.76
N SER A 173 -26.30 -3.52 21.04
CA SER A 173 -26.61 -2.49 22.04
C SER A 173 -25.52 -1.45 22.03
N ASP A 174 -25.76 -0.30 22.65
CA ASP A 174 -24.70 0.72 22.70
C ASP A 174 -23.47 0.23 23.47
N SER A 175 -23.62 -0.69 24.44
CA SER A 175 -22.44 -1.21 25.17
CA SER A 175 -22.43 -1.19 25.18
C SER A 175 -21.72 -2.30 24.40
N ASP A 176 -22.38 -2.97 23.49
CA ASP A 176 -21.75 -4.08 22.74
C ASP A 176 -20.55 -3.56 21.95
N LYS A 177 -19.40 -4.16 22.14
CA LYS A 177 -18.16 -3.74 21.45
C LYS A 177 -18.24 -4.13 19.96
N LEU A 178 -17.96 -3.16 19.09
CA LEU A 178 -17.78 -3.43 17.62
C LEU A 178 -16.29 -3.32 17.34
N TYR A 179 -15.65 -4.41 17.04
CA TYR A 179 -14.22 -4.40 16.66
C TYR A 179 -14.09 -3.93 15.22
N ALA A 180 -13.36 -2.86 14.99
CA ALA A 180 -13.30 -2.21 13.66
C ALA A 180 -11.86 -2.29 13.15
N TYR A 181 -11.75 -2.66 11.88
CA TYR A 181 -10.46 -2.94 11.23
C TYR A 181 -10.40 -2.24 9.88
N TYR A 182 -9.18 -2.13 9.38
CA TYR A 182 -8.86 -1.70 8.01
C TYR A 182 -7.92 -2.74 7.41
N GLN A 183 -8.07 -2.96 6.12
CA GLN A 183 -7.11 -3.82 5.35
C GLN A 183 -6.91 -3.24 3.95
N GLY A 184 -5.67 -2.90 3.63
CA GLY A 184 -5.40 -2.39 2.28
C GLY A 184 -3.92 -2.37 1.97
N CYS A 185 -3.56 -2.16 0.70
CA CYS A 185 -2.14 -2.20 0.25
C CYS A 185 -1.95 -1.08 -0.80
N SER A 186 -0.75 -0.53 -0.81
CA SER A 186 -0.28 0.45 -1.81
CA SER A 186 -0.30 0.45 -1.83
C SER A 186 -1.03 1.79 -1.62
N GLU A 187 -1.75 2.29 -2.61
CA GLU A 187 -2.61 3.45 -2.36
C GLU A 187 -3.54 3.07 -1.18
N GLY A 188 -4.03 1.83 -1.17
CA GLY A 188 -4.82 1.36 -0.02
C GLY A 188 -4.08 1.43 1.29
N GLY A 189 -2.77 1.20 1.28
CA GLY A 189 -1.98 1.29 2.53
C GLY A 189 -1.90 2.76 2.99
N ARG A 190 -1.73 3.68 2.03
CA ARG A 190 -1.71 5.11 2.35
C ARG A 190 -3.07 5.46 2.99
N GLU A 191 -4.15 4.97 2.44
CA GLU A 191 -5.49 5.28 2.96
C GLU A 191 -5.63 4.79 4.38
N GLY A 192 -5.07 3.62 4.71
CA GLY A 192 -5.07 3.18 6.12
C GLY A 192 -4.36 4.18 7.01
N TRP A 193 -3.15 4.60 6.62
CA TRP A 193 -2.39 5.59 7.44
C TRP A 193 -3.12 6.92 7.51
N SER A 194 -3.88 7.31 6.50
CA SER A 194 -4.57 8.62 6.47
C SER A 194 -5.52 8.71 7.66
N GLN A 195 -6.12 7.59 8.06
CA GLN A 195 -7.08 7.56 9.19
C GLN A 195 -6.36 7.38 10.53
N VAL A 196 -5.37 6.48 10.60
CA VAL A 196 -4.60 6.23 11.84
C VAL A 196 -3.92 7.53 12.31
N GLN A 197 -3.48 8.36 11.36
CA GLN A 197 -2.82 9.64 11.66
C GLN A 197 -3.73 10.73 12.19
N ARG A 198 -5.05 10.63 12.03
CA ARG A 198 -6.01 11.68 12.35
C ARG A 198 -7.07 11.26 13.37
N PHE A 199 -7.51 10.02 13.38
CA PHE A 199 -8.76 9.61 14.08
C PHE A 199 -8.45 8.40 14.95
N GLY A 200 -8.23 8.67 16.21
CA GLY A 200 -7.66 7.66 17.12
C GLY A 200 -8.55 6.46 17.36
N ASP A 201 -9.86 6.64 17.34
CA ASP A 201 -10.74 5.49 17.64
C ASP A 201 -11.60 5.07 16.45
N GLU A 202 -11.24 5.42 15.22
CA GLU A 202 -11.98 4.94 14.05
C GLU A 202 -11.83 3.41 13.95
N TRP A 203 -10.62 2.90 14.10
CA TRP A 203 -10.32 1.46 14.00
C TRP A 203 -9.56 0.98 15.23
N ASP A 204 -9.82 -0.25 15.62
CA ASP A 204 -9.04 -0.99 16.64
C ASP A 204 -7.76 -1.55 16.05
N GLY A 205 -7.76 -1.89 14.76
CA GLY A 205 -6.57 -2.49 14.13
C GLY A 205 -6.50 -2.11 12.68
N ALA A 206 -5.32 -1.74 12.19
CA ALA A 206 -5.14 -1.43 10.75
C ALA A 206 -4.06 -2.37 10.19
N ILE A 207 -4.37 -2.98 9.07
CA ILE A 207 -3.50 -3.88 8.28
C ILE A 207 -3.09 -3.14 7.01
N ILE A 208 -1.82 -2.83 6.90
CA ILE A 208 -1.28 -1.89 5.87
C ILE A 208 -0.10 -2.51 5.13
N GLY A 209 -0.31 -2.73 3.85
CA GLY A 209 0.78 -3.15 2.95
C GLY A 209 1.41 -1.98 2.19
N ALA A 210 2.74 -2.00 2.04
CA ALA A 210 3.56 -1.14 1.13
C ALA A 210 2.84 0.17 0.79
N PRO A 211 2.68 1.07 1.76
CA PRO A 211 1.84 2.23 1.54
C PRO A 211 2.47 3.27 0.62
N ALA A 212 1.64 3.85 -0.23
CA ALA A 212 2.02 4.99 -1.10
C ALA A 212 1.97 6.32 -0.33
N PHE A 213 2.52 6.32 0.89
CA PHE A 213 2.63 7.58 1.67
C PHE A 213 3.93 8.31 1.28
N ARG A 214 4.25 9.37 2.01
CA ARG A 214 5.37 10.28 1.69
C ARG A 214 5.18 10.75 0.25
N TRP A 215 3.97 11.21 -0.07
CA TRP A 215 3.45 11.44 -1.42
C TRP A 215 4.46 12.17 -2.35
N SER A 216 4.96 13.33 -1.93
CA SER A 216 5.77 14.16 -2.86
C SER A 216 7.05 13.41 -3.23
N PHE A 217 7.60 12.59 -2.34
CA PHE A 217 8.87 11.88 -2.60
C PHE A 217 8.55 10.62 -3.38
N GLN A 218 7.51 9.87 -2.97
CA GLN A 218 7.18 8.58 -3.58
C GLN A 218 6.77 8.79 -5.02
N GLN A 219 5.89 9.78 -5.34
CA GLN A 219 5.41 9.90 -6.72
C GLN A 219 6.55 10.42 -7.61
N THR A 220 7.29 11.39 -7.12
CA THR A 220 8.33 12.03 -7.95
C THR A 220 9.48 11.03 -8.22
N GLN A 221 9.81 10.17 -7.28
CA GLN A 221 10.94 9.21 -7.46
C GLN A 221 10.65 8.24 -8.59
N HIS A 222 9.41 8.09 -9.03
CA HIS A 222 9.07 7.24 -10.18
C HIS A 222 9.75 7.78 -11.47
N LEU A 223 10.17 9.04 -11.46
CA LEU A 223 10.85 9.66 -12.65
C LEU A 223 12.35 9.50 -12.48
N TYR A 224 12.85 9.06 -11.33
CA TYR A 224 14.32 9.06 -11.07
C TYR A 224 15.06 8.19 -12.12
N SER A 225 14.67 6.94 -12.31
CA SER A 225 15.31 6.04 -13.31
C SER A 225 15.33 6.71 -14.70
N ASN A 226 14.24 7.28 -15.15
CA ASN A 226 14.15 8.02 -16.43
C ASN A 226 15.23 9.12 -16.46
N VAL A 227 15.39 9.87 -15.38
CA VAL A 227 16.33 11.02 -15.38
C VAL A 227 17.78 10.51 -15.31
N VAL A 228 18.00 9.38 -14.65
CA VAL A 228 19.36 8.75 -14.65
C VAL A 228 19.71 8.39 -16.10
N GLU A 229 18.81 7.75 -16.81
CA GLU A 229 19.04 7.31 -18.21
C GLU A 229 19.34 8.55 -19.05
N LYS A 230 18.57 9.61 -18.90
CA LYS A 230 18.79 10.87 -19.68
C LYS A 230 20.14 11.46 -19.30
N THR A 231 20.42 11.57 -18.02
CA THR A 231 21.64 12.23 -17.53
C THR A 231 22.91 11.48 -18.00
N LEU A 232 22.94 10.15 -17.94
CA LEU A 232 24.08 9.33 -18.37
C LEU A 232 24.00 9.00 -19.87
N ASP A 233 22.92 9.42 -20.53
CA ASP A 233 22.62 9.19 -21.96
C ASP A 233 22.81 7.71 -22.29
N TYR A 234 22.14 6.82 -21.57
CA TYR A 234 22.11 5.38 -21.92
C TYR A 234 20.75 4.79 -21.52
N TYR A 235 20.12 4.11 -22.45
CA TYR A 235 18.79 3.51 -22.31
C TYR A 235 18.95 2.00 -22.33
N PRO A 236 19.09 1.34 -21.16
CA PRO A 236 19.34 -0.10 -21.14
C PRO A 236 18.16 -0.88 -21.72
N PRO A 237 18.42 -1.88 -22.59
CA PRO A 237 17.36 -2.81 -22.98
C PRO A 237 16.82 -3.44 -21.70
N PRO A 238 15.49 -3.63 -21.56
CA PRO A 238 14.94 -4.26 -20.35
C PRO A 238 15.67 -5.54 -19.96
N CYS A 239 16.07 -6.34 -20.96
CA CYS A 239 16.72 -7.65 -20.72
C CYS A 239 18.05 -7.45 -19.98
N GLU A 240 18.78 -6.39 -20.27
CA GLU A 240 20.08 -6.16 -19.62
C GLU A 240 19.86 -5.96 -18.11
N LEU A 241 18.87 -5.14 -17.74
CA LEU A 241 18.58 -4.89 -16.30
C LEU A 241 18.01 -6.15 -15.66
N ASP A 242 17.21 -6.91 -16.38
CA ASP A 242 16.64 -8.17 -15.85
C ASP A 242 17.77 -9.16 -15.55
N LYS A 243 18.82 -9.17 -16.38
CA LYS A 243 20.00 -10.02 -16.11
C LYS A 243 20.69 -9.57 -14.82
N ILE A 244 20.80 -8.27 -14.61
CA ILE A 244 21.44 -7.78 -13.37
C ILE A 244 20.60 -8.26 -12.18
N VAL A 245 19.28 -8.13 -12.26
CA VAL A 245 18.42 -8.58 -11.12
C VAL A 245 18.66 -10.09 -10.87
N ASN A 246 18.58 -10.92 -11.91
CA ASN A 246 18.77 -12.39 -11.80
C ASN A 246 20.12 -12.69 -11.17
N GLU A 247 21.21 -12.02 -11.58
CA GLU A 247 22.55 -12.29 -10.99
C GLU A 247 22.65 -11.77 -9.57
N THR A 248 21.89 -10.69 -9.22
CA THR A 248 21.87 -10.20 -7.82
C THR A 248 21.17 -11.26 -6.96
N ILE A 249 20.07 -11.83 -7.45
CA ILE A 249 19.35 -12.89 -6.69
C ILE A 249 20.32 -14.07 -6.47
N ALA A 250 21.04 -14.47 -7.52
CA ALA A 250 21.98 -15.63 -7.43
C ALA A 250 23.07 -15.34 -6.40
N ALA A 251 23.58 -14.11 -6.36
CA ALA A 251 24.71 -13.76 -5.48
C ALA A 251 24.25 -13.58 -4.03
N CYS A 252 22.98 -13.22 -3.78
CA CYS A 252 22.56 -12.76 -2.43
C CYS A 252 21.61 -13.78 -1.79
N ASP A 253 21.14 -14.78 -2.55
CA ASP A 253 20.24 -15.85 -2.04
C ASP A 253 20.74 -16.41 -0.71
N ALA A 254 22.01 -16.82 -0.66
CA ALA A 254 22.59 -17.59 0.47
C ALA A 254 22.94 -16.68 1.64
N MET A 255 22.90 -15.37 1.49
CA MET A 255 23.28 -14.47 2.61
C MET A 255 22.27 -14.55 3.78
N ASP A 256 21.08 -15.06 3.54
CA ASP A 256 20.06 -15.27 4.61
C ASP A 256 20.21 -16.67 5.26
N GLY A 257 21.19 -17.48 4.82
CA GLY A 257 21.47 -18.81 5.41
C GLY A 257 20.62 -19.91 4.80
N LYS A 258 19.80 -19.58 3.82
CA LYS A 258 18.89 -20.55 3.20
C LYS A 258 18.99 -20.43 1.69
N VAL A 259 19.38 -21.52 1.03
CA VAL A 259 19.46 -21.54 -0.45
C VAL A 259 18.10 -21.96 -0.97
N ASP A 260 17.33 -20.99 -1.46
CA ASP A 260 15.92 -21.20 -1.86
C ASP A 260 15.55 -20.27 -3.01
N TRP A 261 16.52 -19.61 -3.65
CA TRP A 261 16.24 -18.59 -4.69
C TRP A 261 15.24 -17.53 -4.11
N VAL A 262 15.51 -17.12 -2.89
CA VAL A 262 14.78 -16.00 -2.24
C VAL A 262 15.83 -15.20 -1.51
N VAL A 263 15.84 -13.89 -1.77
CA VAL A 263 16.70 -12.97 -0.99
C VAL A 263 15.88 -12.37 0.16
N ALA A 264 16.07 -12.91 1.35
CA ALA A 264 15.42 -12.42 2.58
C ALA A 264 16.27 -11.31 3.19
N ARG A 265 17.53 -11.15 2.76
CA ARG A 265 18.40 -10.12 3.34
C ARG A 265 18.89 -9.21 2.21
N THR A 266 18.00 -8.32 1.77
CA THR A 266 18.37 -7.28 0.77
C THR A 266 19.29 -6.25 1.41
N ASP A 267 19.34 -6.16 2.72
CA ASP A 267 20.27 -5.30 3.46
C ASP A 267 21.70 -5.85 3.24
N LEU A 268 21.93 -7.13 3.55
CA LEU A 268 23.28 -7.74 3.31
C LEU A 268 23.60 -7.62 1.82
N CYS A 269 22.63 -7.76 0.94
CA CYS A 269 22.84 -7.65 -0.51
C CYS A 269 23.39 -6.25 -0.82
N LEU A 270 22.70 -5.22 -0.34
CA LEU A 270 23.10 -3.82 -0.63
C LEU A 270 24.47 -3.55 -0.05
N LEU A 271 24.78 -4.11 1.11
CA LEU A 271 26.07 -3.86 1.80
C LEU A 271 27.20 -4.62 1.10
N ASP A 272 26.98 -5.84 0.64
CA ASP A 272 28.10 -6.79 0.38
C ASP A 272 28.23 -7.20 -1.08
N PHE A 273 27.29 -6.95 -1.98
CA PHE A 273 27.38 -7.40 -3.38
C PHE A 273 27.62 -6.23 -4.33
N ASP A 274 28.68 -6.33 -5.14
CA ASP A 274 29.03 -5.31 -6.15
C ASP A 274 28.57 -5.80 -7.50
N ILE A 275 27.63 -5.11 -8.13
CA ILE A 275 27.05 -5.59 -9.41
C ILE A 275 28.06 -5.39 -10.54
N SER A 276 29.16 -4.69 -10.33
CA SER A 276 30.27 -4.60 -11.34
C SER A 276 30.75 -6.02 -11.75
N THR A 277 30.59 -7.00 -10.87
CA THR A 277 30.96 -8.43 -11.15
C THR A 277 30.09 -9.00 -12.26
N ILE A 278 29.00 -8.33 -12.63
CA ILE A 278 28.05 -8.88 -13.65
C ILE A 278 28.47 -8.39 -15.03
N GLU A 279 29.35 -7.41 -15.12
CA GLU A 279 29.79 -6.89 -16.44
C GLU A 279 30.31 -8.05 -17.30
N GLY A 280 29.85 -8.13 -18.54
CA GLY A 280 30.27 -9.16 -19.51
C GLY A 280 29.36 -10.36 -19.50
N LYS A 281 28.46 -10.53 -18.54
CA LYS A 281 27.58 -11.72 -18.53
C LYS A 281 26.62 -11.62 -19.70
N PRO A 282 26.42 -12.71 -20.46
CA PRO A 282 25.52 -12.66 -21.60
C PRO A 282 24.06 -12.63 -21.14
N TYR A 283 23.21 -12.03 -21.96
CA TYR A 283 21.76 -12.04 -21.74
C TYR A 283 21.08 -12.28 -23.08
N SER A 284 19.93 -12.91 -23.02
CA SER A 284 19.08 -13.17 -24.20
C SER A 284 17.64 -13.18 -23.73
N CYS A 285 16.80 -12.41 -24.39
CA CYS A 285 15.33 -12.40 -24.16
C CYS A 285 14.71 -12.64 -25.52
N ALA A 286 13.65 -13.43 -25.57
CA ALA A 286 12.88 -13.71 -26.79
C ALA A 286 12.09 -12.48 -27.19
N ALA A 287 11.74 -12.37 -28.46
CA ALA A 287 10.90 -11.27 -28.98
C ALA A 287 9.50 -11.45 -28.40
N SER A 288 8.90 -10.39 -27.86
CA SER A 288 7.51 -10.43 -27.36
C SER A 288 6.59 -10.00 -28.49
N ARG A 289 5.30 -9.90 -28.18
CA ARG A 289 4.37 -9.23 -29.11
C ARG A 289 4.43 -7.75 -28.76
N GLY A 290 5.23 -7.00 -29.51
CA GLY A 290 5.38 -5.54 -29.33
C GLY A 290 6.79 -5.16 -28.98
N THR A 291 7.64 -6.13 -28.63
CA THR A 291 9.08 -5.88 -28.37
C THR A 291 9.90 -6.93 -29.11
N PRO A 292 11.03 -6.57 -29.75
CA PRO A 292 11.85 -7.54 -30.47
C PRO A 292 12.77 -8.37 -29.57
N ALA A 293 13.55 -9.25 -30.16
CA ALA A 293 14.53 -10.09 -29.43
C ALA A 293 15.63 -9.16 -28.90
N GLN A 294 16.06 -9.40 -27.68
CA GLN A 294 17.21 -8.68 -27.09
C GLN A 294 18.27 -9.71 -26.75
N ASN A 295 19.52 -9.40 -27.10
CA ASN A 295 20.70 -10.21 -26.67
C ASN A 295 21.92 -9.32 -26.72
N GLY A 296 22.91 -9.70 -25.92
CA GLY A 296 24.10 -8.90 -25.69
C GLY A 296 24.83 -9.39 -24.48
N THR A 297 25.70 -8.54 -23.96
CA THR A 297 26.42 -8.76 -22.71
C THR A 297 26.14 -7.56 -21.82
N VAL A 298 26.09 -7.78 -20.52
CA VAL A 298 25.84 -6.67 -19.57
C VAL A 298 26.99 -5.68 -19.72
N SER A 299 26.65 -4.44 -20.03
CA SER A 299 27.61 -3.37 -20.38
C SER A 299 28.01 -2.59 -19.14
N ALA A 300 29.15 -1.91 -19.24
CA ALA A 300 29.65 -1.02 -18.19
C ALA A 300 28.63 0.10 -17.97
N LYS A 301 28.07 0.65 -19.04
CA LYS A 301 27.11 1.76 -18.97
C LYS A 301 25.83 1.25 -18.31
N GLY A 302 25.41 0.01 -18.59
CA GLY A 302 24.21 -0.60 -17.99
C GLY A 302 24.39 -0.72 -16.48
N ILE A 303 25.55 -1.19 -16.06
CA ILE A 303 25.91 -1.28 -14.64
C ILE A 303 25.92 0.13 -14.03
N GLU A 304 26.47 1.12 -14.72
CA GLU A 304 26.53 2.50 -14.17
C GLU A 304 25.10 3.02 -13.94
N VAL A 305 24.21 2.83 -14.90
CA VAL A 305 22.80 3.24 -14.77
C VAL A 305 22.22 2.50 -13.56
N ALA A 306 22.44 1.19 -13.47
CA ALA A 306 21.79 0.37 -12.43
C ALA A 306 22.30 0.84 -11.08
N LYS A 307 23.60 1.06 -10.94
CA LYS A 307 24.17 1.44 -9.64
C LYS A 307 23.61 2.81 -9.26
N THR A 308 23.45 3.68 -10.24
CA THR A 308 23.00 5.06 -9.97
C THR A 308 21.53 5.02 -9.47
N ILE A 309 20.71 4.20 -10.10
CA ILE A 309 19.27 4.01 -9.71
C ILE A 309 19.25 3.48 -8.29
N ILE A 310 19.96 2.38 -8.06
CA ILE A 310 19.98 1.77 -6.69
C ILE A 310 20.44 2.77 -5.65
N ASN A 311 21.39 3.66 -5.96
CA ASN A 311 21.95 4.60 -4.98
C ASN A 311 20.95 5.72 -4.59
N GLY A 312 19.88 5.89 -5.34
CA GLY A 312 18.81 6.86 -5.00
C GLY A 312 19.14 8.27 -5.46
N LEU A 313 18.12 9.10 -5.53
CA LEU A 313 18.26 10.51 -6.01
C LEU A 313 19.21 11.28 -5.11
N HIS A 314 20.25 11.85 -5.72
CA HIS A 314 21.15 12.84 -5.10
C HIS A 314 21.13 14.10 -5.98
N ASP A 315 21.26 15.25 -5.37
CA ASP A 315 21.14 16.52 -6.11
C ASP A 315 22.53 16.82 -6.74
N SER A 316 22.61 17.96 -7.43
CA SER A 316 23.79 18.39 -8.24
C SER A 316 24.98 18.57 -7.31
N GLN A 317 24.77 18.70 -6.00
CA GLN A 317 25.90 18.82 -5.04
C GLN A 317 26.22 17.50 -4.32
N GLY A 318 25.68 16.36 -4.79
CA GLY A 318 25.94 15.05 -4.17
C GLY A 318 25.17 14.80 -2.87
N ARG A 319 24.21 15.65 -2.50
CA ARG A 319 23.46 15.46 -1.23
C ARG A 319 22.27 14.55 -1.53
N ARG A 320 21.97 13.66 -0.58
CA ARG A 320 20.89 12.66 -0.79
C ARG A 320 19.52 13.32 -0.60
N VAL A 321 18.66 13.12 -1.58
CA VAL A 321 17.26 13.60 -1.56
C VAL A 321 16.31 12.46 -1.13
N TYR A 322 16.50 11.27 -1.67
CA TYR A 322 15.62 10.13 -1.30
C TYR A 322 16.42 8.84 -1.48
N PHE A 323 15.73 7.72 -1.47
CA PHE A 323 16.28 6.36 -1.65
C PHE A 323 15.41 5.68 -2.66
N SER A 324 15.93 4.58 -3.15
CA SER A 324 15.29 3.83 -4.23
C SER A 324 14.99 2.41 -3.76
N TYR A 325 14.48 1.63 -4.67
CA TYR A 325 14.09 0.22 -4.46
C TYR A 325 15.31 -0.58 -4.04
N GLN A 326 15.07 -1.61 -3.26
CA GLN A 326 16.15 -2.51 -2.78
C GLN A 326 16.76 -3.26 -3.97
N PRO A 327 18.03 -3.70 -3.84
CA PRO A 327 18.54 -4.73 -4.75
C PRO A 327 17.57 -5.93 -4.79
N THR A 328 17.38 -6.52 -5.96
CA THR A 328 16.50 -7.67 -6.35
C THR A 328 15.14 -7.16 -6.82
N ALA A 329 14.79 -5.90 -6.57
CA ALA A 329 13.55 -5.33 -7.17
C ALA A 329 13.75 -5.14 -8.67
N ALA A 330 12.73 -5.47 -9.45
CA ALA A 330 12.74 -5.27 -10.91
C ALA A 330 12.95 -3.79 -11.24
N PHE A 331 13.61 -3.51 -12.37
CA PHE A 331 13.85 -2.13 -12.84
C PHE A 331 12.66 -1.65 -13.67
N ASP A 332 11.47 -1.54 -13.06
CA ASP A 332 10.24 -1.15 -13.79
C ASP A 332 10.31 0.33 -14.18
N ASP A 333 10.72 1.20 -13.26
CA ASP A 333 10.80 2.65 -13.51
C ASP A 333 11.74 2.88 -14.71
N ALA A 334 12.77 2.03 -14.80
CA ALA A 334 13.84 2.21 -15.83
C ALA A 334 13.39 1.72 -17.20
N GLU A 335 12.24 1.08 -17.31
CA GLU A 335 11.77 0.46 -18.58
C GLU A 335 11.96 1.45 -19.74
N THR A 336 12.64 0.98 -20.79
CA THR A 336 12.85 1.77 -22.04
C THR A 336 11.90 1.25 -23.10
N GLN A 337 11.83 1.94 -24.23
CA GLN A 337 10.98 1.49 -25.35
C GLN A 337 11.81 1.45 -26.64
N TYR A 338 11.46 0.49 -27.48
CA TYR A 338 12.18 0.23 -28.75
C TYR A 338 11.60 1.12 -29.84
N ASN A 339 12.45 1.85 -30.55
CA ASN A 339 12.10 2.66 -31.74
C ASN A 339 12.50 1.85 -32.99
N SER A 340 11.53 1.49 -33.83
CA SER A 340 11.77 0.71 -35.08
C SER A 340 12.48 1.56 -36.15
N THR A 341 12.15 2.85 -36.25
CA THR A 341 12.83 3.77 -37.21
C THR A 341 14.35 3.66 -36.99
N THR A 342 14.79 3.94 -35.76
CA THR A 342 16.20 4.17 -35.36
C THR A 342 16.88 2.87 -34.98
N GLY A 343 16.12 1.81 -34.68
CA GLY A 343 16.67 0.54 -34.18
C GLY A 343 17.21 0.64 -32.76
N GLN A 344 16.77 1.60 -31.94
CA GLN A 344 17.40 1.86 -30.63
C GLN A 344 16.36 1.91 -29.50
N TRP A 345 16.78 1.53 -28.31
CA TRP A 345 15.96 1.69 -27.08
C TRP A 345 16.07 3.14 -26.63
N GLY A 346 14.95 3.70 -26.17
CA GLY A 346 14.91 5.11 -25.77
C GLY A 346 13.98 5.35 -24.59
N LEU A 347 13.88 6.62 -24.22
CA LEU A 347 13.14 7.04 -23.01
C LEU A 347 11.68 6.57 -23.09
N ASP A 348 11.19 6.03 -21.98
CA ASP A 348 9.76 5.69 -21.81
C ASP A 348 9.30 6.27 -20.46
N ILE A 349 8.64 7.44 -20.51
CA ILE A 349 8.36 8.23 -19.27
C ILE A 349 7.45 7.41 -18.36
N ASP A 350 7.89 7.21 -17.12
CA ASP A 350 7.09 6.44 -16.14
C ASP A 350 5.71 7.08 -15.93
N GLN A 351 4.67 6.27 -16.05
CA GLN A 351 3.26 6.71 -16.03
C GLN A 351 2.93 7.31 -14.64
N LEU A 352 3.28 6.64 -13.54
CA LEU A 352 2.85 7.14 -12.21
C LEU A 352 3.59 8.44 -11.90
N GLY A 353 4.88 8.50 -12.21
CA GLY A 353 5.63 9.73 -11.96
C GLY A 353 5.12 10.87 -12.80
N GLY A 354 4.90 10.63 -14.09
CA GLY A 354 4.38 11.64 -15.01
C GLY A 354 3.00 12.11 -14.58
N GLU A 355 2.16 11.18 -14.14
CA GLU A 355 0.79 11.56 -13.76
C GLU A 355 0.85 12.52 -12.56
N TYR A 356 1.67 12.28 -11.55
CA TYR A 356 1.78 13.19 -10.39
C TYR A 356 2.10 14.62 -10.89
N ILE A 357 3.13 14.75 -11.71
CA ILE A 357 3.52 16.12 -12.19
C ILE A 357 2.37 16.72 -12.99
N ALA A 358 1.80 15.99 -13.94
CA ALA A 358 0.75 16.54 -14.83
C ALA A 358 -0.51 16.90 -14.02
N LEU A 359 -0.94 16.02 -13.09
CA LEU A 359 -2.25 16.14 -12.43
C LEU A 359 -2.18 17.09 -11.22
N LEU A 360 -1.18 16.94 -10.37
CA LEU A 360 -1.20 17.57 -9.04
C LEU A 360 -0.15 18.69 -8.93
N VAL A 361 0.77 18.81 -9.86
CA VAL A 361 1.73 19.95 -9.89
C VAL A 361 1.27 20.92 -10.96
N ASP A 362 1.22 20.48 -12.21
CA ASP A 362 0.80 21.33 -13.36
C ASP A 362 -0.71 21.50 -13.41
N LYS A 363 -1.45 20.50 -12.89
CA LYS A 363 -2.93 20.54 -12.83
C LYS A 363 -3.55 20.67 -14.23
N ASN A 364 -2.98 19.96 -15.19
CA ASN A 364 -3.55 20.06 -16.56
C ASN A 364 -3.41 18.80 -17.39
N GLY A 365 -3.32 17.62 -16.77
CA GLY A 365 -3.32 16.36 -17.52
C GLY A 365 -3.03 15.20 -16.61
N THR A 366 -2.92 14.02 -17.21
CA THR A 366 -2.60 12.77 -16.48
C THR A 366 -1.35 12.13 -17.07
N THR A 367 -0.74 12.77 -18.05
CA THR A 367 0.50 12.26 -18.68
CA THR A 367 0.47 12.26 -18.74
C THR A 367 1.43 13.43 -18.93
N LEU A 368 2.70 13.16 -18.75
CA LEU A 368 3.78 14.11 -19.07
C LEU A 368 4.34 13.71 -20.44
N ASP A 369 4.43 14.67 -21.37
CA ASP A 369 4.80 14.40 -22.79
C ASP A 369 6.31 14.43 -22.99
N SER A 370 7.04 15.08 -22.08
CA SER A 370 8.49 15.29 -22.21
C SER A 370 9.14 15.35 -20.85
N LEU A 371 10.41 14.99 -20.78
CA LEU A 371 11.28 15.34 -19.62
C LEU A 371 12.36 16.33 -20.04
N ASP A 372 12.14 17.10 -21.12
CA ASP A 372 13.18 18.07 -21.57
C ASP A 372 13.49 19.02 -20.43
N GLY A 373 14.75 19.18 -20.10
CA GLY A 373 15.16 20.14 -19.06
C GLY A 373 15.04 19.59 -17.64
N VAL A 374 14.54 18.37 -17.47
CA VAL A 374 14.36 17.78 -16.10
C VAL A 374 15.66 17.10 -15.66
N THR A 375 16.19 17.56 -14.54
CA THR A 375 17.46 17.14 -13.94
C THR A 375 17.17 16.52 -12.57
N TYR A 376 18.20 15.98 -11.95
CA TYR A 376 18.13 15.57 -10.53
C TYR A 376 17.58 16.74 -9.69
N ASP A 377 18.06 17.96 -9.90
CA ASP A 377 17.62 19.11 -9.08
C ASP A 377 16.13 19.42 -9.34
N THR A 378 15.62 19.23 -10.54
CA THR A 378 14.17 19.45 -10.85
C THR A 378 13.39 18.46 -9.96
N LEU A 379 13.85 17.22 -9.89
CA LEU A 379 13.16 16.16 -9.06
C LEU A 379 13.21 16.59 -7.59
N LYS A 380 14.36 17.05 -7.09
CA LYS A 380 14.48 17.53 -5.71
CA LYS A 380 14.47 17.53 -5.70
C LYS A 380 13.46 18.64 -5.46
N ASP A 381 13.39 19.61 -6.37
CA ASP A 381 12.50 20.78 -6.16
C ASP A 381 11.04 20.31 -6.08
N TRP A 382 10.65 19.35 -6.91
CA TRP A 382 9.27 18.77 -6.87
C TRP A 382 9.05 18.07 -5.54
N MET A 383 10.03 17.36 -5.03
CA MET A 383 9.79 16.62 -3.75
C MET A 383 9.58 17.63 -2.63
N ILE A 384 10.43 18.67 -2.60
CA ILE A 384 10.38 19.68 -1.50
C ILE A 384 9.14 20.54 -1.62
N SER A 385 8.81 21.03 -2.81
CA SER A 385 7.63 21.91 -2.95
CA SER A 385 7.63 21.90 -3.00
C SER A 385 6.35 21.12 -2.67
N GLY A 386 6.30 19.88 -3.12
CA GLY A 386 5.10 19.05 -2.88
C GLY A 386 4.92 18.71 -1.41
N LEU A 387 6.01 18.61 -0.67
CA LEU A 387 5.91 18.34 0.80
C LEU A 387 5.09 19.44 1.45
N GLN A 388 5.38 20.69 1.14
CA GLN A 388 4.61 21.82 1.73
C GLN A 388 3.16 21.75 1.23
N GLU A 389 2.96 21.61 -0.07
CA GLU A 389 1.63 21.75 -0.69
C GLU A 389 0.69 20.62 -0.21
N TYR A 390 1.22 19.41 -0.04
CA TYR A 390 0.38 18.21 0.21
C TYR A 390 0.55 17.68 1.64
N TYR A 391 1.29 18.37 2.50
CA TYR A 391 1.53 17.92 3.90
C TYR A 391 0.22 17.51 4.56
N SER A 392 -0.81 18.35 4.46
CA SER A 392 -2.10 18.24 5.18
C SER A 392 -3.08 17.28 4.50
N THR A 393 -2.82 16.80 3.29
CA THR A 393 -3.81 16.01 2.51
C THR A 393 -3.17 14.68 2.10
N LEU A 394 -2.30 14.67 1.08
CA LEU A 394 -1.83 13.39 0.49
C LEU A 394 -0.54 12.89 1.14
N GLN A 395 0.28 13.75 1.77
CA GLN A 395 1.62 13.35 2.20
C GLN A 395 1.55 12.10 3.08
N THR A 396 0.65 12.11 4.06
CA THR A 396 0.34 10.93 4.91
C THR A 396 1.58 10.44 5.66
N THR A 397 2.38 11.35 6.23
CA THR A 397 3.53 10.93 7.04
C THR A 397 3.52 11.59 8.39
N TRP A 398 2.37 11.97 8.91
CA TRP A 398 2.31 12.54 10.27
C TRP A 398 2.77 11.51 11.31
N PRO A 399 3.86 11.78 12.05
CA PRO A 399 4.48 10.75 12.90
C PRO A 399 3.97 10.70 14.34
N ASP A 400 3.15 11.67 14.77
CA ASP A 400 2.61 11.70 16.14
C ASP A 400 1.28 10.94 16.13
N LEU A 401 1.30 9.69 16.58
CA LEU A 401 0.11 8.81 16.57
C LEU A 401 -0.39 8.67 18.02
N THR A 402 -0.17 9.70 18.83
CA THR A 402 -0.60 9.66 20.26
C THR A 402 -2.08 9.27 20.36
N PRO A 403 -3.04 9.87 19.64
CA PRO A 403 -4.45 9.52 19.82
C PRO A 403 -4.76 8.04 19.53
N PHE A 404 -4.26 7.51 18.43
CA PHE A 404 -4.44 6.09 18.07
C PHE A 404 -3.81 5.19 19.13
N HIS A 405 -2.60 5.51 19.55
CA HIS A 405 -1.89 4.68 20.55
C HIS A 405 -2.68 4.70 21.87
N GLU A 406 -3.10 5.87 22.31
CA GLU A 406 -3.84 6.05 23.59
C GLU A 406 -5.21 5.38 23.55
N ALA A 407 -5.80 5.19 22.38
CA ALA A 407 -7.10 4.47 22.24
C ALA A 407 -6.84 2.95 22.27
N GLY A 408 -5.59 2.50 22.24
CA GLY A 408 -5.23 1.07 22.26
C GLY A 408 -5.20 0.44 20.88
N GLY A 409 -5.13 1.26 19.82
CA GLY A 409 -5.04 0.73 18.47
C GLY A 409 -3.75 0.00 18.17
N LYS A 410 -3.85 -0.90 17.20
CA LYS A 410 -2.74 -1.78 16.73
CA LYS A 410 -2.74 -1.78 16.73
C LYS A 410 -2.57 -1.64 15.22
N VAL A 411 -1.32 -1.74 14.76
CA VAL A 411 -0.99 -1.77 13.32
C VAL A 411 -0.11 -2.97 13.01
N ILE A 412 -0.43 -3.65 11.94
CA ILE A 412 0.45 -4.61 11.22
C ILE A 412 0.76 -3.98 9.88
N HIS A 413 2.03 -3.66 9.66
CA HIS A 413 2.53 -3.02 8.43
C HIS A 413 3.50 -4.00 7.77
N PHE A 414 3.33 -4.24 6.49
CA PHE A 414 4.25 -5.15 5.76
C PHE A 414 4.65 -4.54 4.43
N HIS A 415 5.77 -5.02 3.89
CA HIS A 415 6.31 -4.49 2.63
C HIS A 415 7.19 -5.56 1.94
N GLY A 416 6.99 -5.79 0.67
CA GLY A 416 7.86 -6.74 -0.07
C GLY A 416 9.30 -6.27 -0.17
N ASP A 417 10.26 -7.17 0.02
CA ASP A 417 11.71 -6.86 -0.06
C ASP A 417 12.07 -6.52 -1.51
N ALA A 418 11.33 -7.01 -2.50
CA ALA A 418 11.67 -6.80 -3.92
C ALA A 418 10.61 -5.91 -4.59
N ASP A 419 10.03 -4.98 -3.80
CA ASP A 419 8.99 -4.08 -4.32
C ASP A 419 9.66 -3.11 -5.32
N PHE A 420 9.15 -3.07 -6.50
CA PHE A 420 9.65 -2.28 -7.63
C PHE A 420 8.84 -1.01 -7.82
N SER A 421 7.81 -0.80 -6.98
CA SER A 421 6.85 0.30 -7.18
C SER A 421 6.99 1.28 -6.03
N ILE A 422 7.17 0.79 -4.81
CA ILE A 422 7.40 1.61 -3.59
C ILE A 422 8.61 1.06 -2.91
N PRO A 423 9.67 1.87 -2.70
CA PRO A 423 10.86 1.37 -2.04
C PRO A 423 10.56 0.77 -0.66
N THR A 424 11.06 -0.44 -0.40
CA THR A 424 10.89 -1.06 0.92
C THR A 424 11.35 -0.14 2.04
N ALA A 425 12.46 0.58 1.85
CA ALA A 425 13.00 1.48 2.88
C ALA A 425 11.99 2.59 3.24
N ALA A 426 11.03 2.88 2.38
CA ALA A 426 10.02 3.93 2.67
C ALA A 426 9.23 3.53 3.92
N SER A 427 9.00 2.24 4.11
CA SER A 427 8.21 1.76 5.28
C SER A 427 9.05 1.81 6.52
N ILE A 428 10.32 1.34 6.49
CA ILE A 428 11.19 1.45 7.67
C ILE A 428 11.25 2.90 8.11
N ARG A 429 11.43 3.82 7.16
CA ARG A 429 11.59 5.22 7.55
C ARG A 429 10.42 5.73 8.40
N TYR A 430 9.20 5.39 8.02
CA TYR A 430 8.03 5.90 8.77
C TYR A 430 8.01 5.32 10.17
N TRP A 431 8.26 4.01 10.30
CA TRP A 431 8.28 3.39 11.65
C TRP A 431 9.34 4.09 12.49
N GLU A 432 10.48 4.40 11.91
CA GLU A 432 11.53 5.10 12.70
C GLU A 432 11.13 6.54 13.05
N SER A 433 10.39 7.21 12.17
CA SER A 433 9.86 8.57 12.41
C SER A 433 8.94 8.51 13.61
N VAL A 434 8.02 7.57 13.60
CA VAL A 434 7.04 7.42 14.70
C VAL A 434 7.79 7.13 16.00
N ARG A 435 8.71 6.19 15.94
CA ARG A 435 9.52 5.80 17.12
C ARG A 435 10.16 7.04 17.73
N SER A 436 10.85 7.85 16.91
CA SER A 436 11.65 8.97 17.46
CA SER A 436 11.64 9.01 17.40
CA SER A 436 11.65 8.97 17.46
C SER A 436 10.75 10.13 17.92
N ILE A 437 9.59 10.30 17.31
CA ILE A 437 8.69 11.38 17.76
C ILE A 437 7.94 10.98 19.02
N MET A 438 7.50 9.74 19.11
CA MET A 438 6.63 9.33 20.22
C MET A 438 7.44 8.91 21.43
N TYR A 439 8.69 8.49 21.25
CA TYR A 439 9.52 8.03 22.40
C TYR A 439 10.86 8.75 22.37
N PRO A 440 10.85 10.08 22.48
CA PRO A 440 12.08 10.85 22.21
C PRO A 440 13.17 10.76 23.27
N ASN A 441 12.86 10.31 24.48
CA ASN A 441 13.96 10.42 25.49
C ASN A 441 14.49 9.03 25.85
N GLN A 442 14.37 8.07 24.93
CA GLN A 442 14.78 6.68 25.15
C GLN A 442 15.81 6.30 24.10
N ASP A 443 16.65 5.34 24.43
CA ASP A 443 17.62 4.78 23.48
C ASP A 443 16.90 3.92 22.44
N TYR A 444 17.65 3.46 21.48
CA TYR A 444 17.04 2.81 20.31
C TYR A 444 16.25 1.59 20.76
N ASN A 445 16.88 0.73 21.55
CA ASN A 445 16.19 -0.55 21.91
C ASN A 445 14.97 -0.28 22.78
N SER A 446 15.02 0.66 23.69
CA SER A 446 13.89 0.92 24.61
C SER A 446 12.71 1.52 23.81
N SER A 447 12.99 2.50 22.97
CA SER A 447 11.93 3.13 22.13
C SER A 447 11.39 2.11 21.14
N ALA A 448 12.21 1.25 20.57
CA ALA A 448 11.75 0.23 19.62
C ALA A 448 10.79 -0.73 20.33
N GLU A 449 11.13 -1.17 21.53
CA GLU A 449 10.27 -2.09 22.29
C GLU A 449 8.94 -1.40 22.58
N ALA A 450 8.96 -0.13 22.95
CA ALA A 450 7.71 0.59 23.30
C ALA A 450 6.82 0.66 22.05
N LEU A 451 7.39 1.01 20.90
CA LEU A 451 6.57 1.10 19.66
C LEU A 451 6.06 -0.29 19.23
N ASN A 452 6.89 -1.31 19.37
CA ASN A 452 6.59 -2.71 18.97
C ASN A 452 5.50 -3.32 19.87
N GLU A 453 5.09 -2.67 20.92
CA GLU A 453 3.89 -3.13 21.67
C GLU A 453 2.62 -2.94 20.80
N TRP A 454 2.61 -2.04 19.82
CA TRP A 454 1.35 -1.69 19.13
C TRP A 454 1.50 -1.41 17.62
N TYR A 455 2.70 -1.20 17.09
CA TYR A 455 2.91 -0.91 15.65
C TYR A 455 4.13 -1.73 15.22
N ARG A 456 3.86 -2.82 14.53
CA ARG A 456 4.87 -3.81 14.11
C ARG A 456 4.97 -3.79 12.59
N LEU A 457 6.21 -3.90 12.12
CA LEU A 457 6.58 -3.80 10.70
C LEU A 457 7.35 -5.05 10.28
N TYR A 458 6.99 -5.58 9.13
CA TYR A 458 7.55 -6.85 8.64
C TYR A 458 7.88 -6.71 7.16
N THR A 459 9.11 -7.04 6.74
CA THR A 459 9.39 -7.15 5.30
C THR A 459 9.12 -8.57 4.82
N VAL A 460 8.79 -8.70 3.55
CA VAL A 460 8.38 -10.01 2.98
C VAL A 460 9.48 -10.45 2.00
N PRO A 461 10.27 -11.49 2.35
CA PRO A 461 11.32 -11.99 1.47
C PRO A 461 10.86 -12.27 0.05
N GLY A 462 11.62 -11.70 -0.89
CA GLY A 462 11.40 -11.89 -2.35
C GLY A 462 10.13 -11.31 -2.94
N ALA A 463 9.18 -10.79 -2.15
CA ALA A 463 7.89 -10.35 -2.68
C ALA A 463 8.01 -9.04 -3.49
N GLY A 464 7.09 -8.90 -4.41
CA GLY A 464 7.02 -7.76 -5.32
C GLY A 464 6.17 -6.68 -4.68
N HIS A 465 5.33 -6.05 -5.48
CA HIS A 465 4.50 -4.91 -5.05
C HIS A 465 3.13 -5.45 -4.61
N CYS A 466 2.95 -5.61 -3.32
CA CYS A 466 1.68 -6.10 -2.72
C CYS A 466 1.30 -7.44 -3.35
N ALA A 467 2.28 -8.27 -3.68
CA ALA A 467 2.01 -9.55 -4.38
C ALA A 467 3.26 -10.38 -4.33
N THR A 468 3.07 -11.65 -4.63
CA THR A 468 4.21 -12.59 -4.82
C THR A 468 4.96 -12.17 -6.08
N ASN A 469 6.16 -12.73 -6.19
CA ASN A 469 7.12 -12.40 -7.26
C ASN A 469 7.41 -13.70 -8.06
N ASP A 470 7.09 -13.71 -9.34
CA ASP A 470 7.28 -14.90 -10.21
C ASP A 470 8.77 -15.22 -10.35
N ALA A 471 9.65 -14.24 -10.12
CA ALA A 471 11.11 -14.46 -10.13
C ALA A 471 11.56 -15.20 -8.86
N MET A 472 10.85 -15.07 -7.73
CA MET A 472 11.22 -15.70 -6.46
C MET A 472 9.99 -16.41 -5.91
N PRO A 473 9.49 -17.44 -6.64
CA PRO A 473 8.24 -18.12 -6.29
C PRO A 473 8.29 -18.95 -5.02
N ASN A 474 9.46 -19.20 -4.43
CA ASN A 474 9.57 -19.91 -3.13
C ASN A 474 9.34 -18.93 -1.97
N GLY A 475 9.19 -17.64 -2.27
CA GLY A 475 9.07 -16.62 -1.20
C GLY A 475 7.69 -16.74 -0.57
N PRO A 476 7.57 -16.33 0.70
CA PRO A 476 6.32 -16.40 1.43
C PRO A 476 5.49 -15.14 1.21
N PHE A 477 4.25 -15.14 1.70
CA PHE A 477 3.40 -13.94 1.59
C PHE A 477 2.43 -13.98 2.76
N PRO A 478 2.15 -12.83 3.42
CA PRO A 478 1.25 -12.84 4.58
C PRO A 478 -0.20 -12.86 4.10
N GLN A 479 -0.78 -14.04 4.02
CA GLN A 479 -2.13 -14.26 3.49
C GLN A 479 -3.17 -14.27 4.62
N THR A 480 -2.76 -14.17 5.86
CA THR A 480 -3.66 -14.41 7.01
C THR A 480 -3.67 -13.20 7.95
N ASN A 481 -3.51 -11.98 7.41
CA ASN A 481 -3.37 -10.81 8.30
C ASN A 481 -4.65 -10.51 9.06
N MET A 482 -5.83 -10.75 8.51
CA MET A 482 -7.08 -10.44 9.23
C MET A 482 -7.20 -11.38 10.45
N ALA A 483 -6.90 -12.66 10.26
CA ALA A 483 -6.96 -13.60 11.40
C ALA A 483 -5.92 -13.19 12.45
N VAL A 484 -4.71 -12.80 12.04
CA VAL A 484 -3.63 -12.43 13.01
C VAL A 484 -4.06 -11.18 13.78
N MET A 485 -4.60 -10.19 13.06
CA MET A 485 -5.03 -8.91 13.69
C MET A 485 -6.18 -9.19 14.66
N ILE A 486 -7.16 -9.97 14.25
CA ILE A 486 -8.27 -10.34 15.18
C ILE A 486 -7.67 -10.99 16.43
N ASP A 487 -6.78 -11.94 16.24
CA ASP A 487 -6.18 -12.62 17.41
C ASP A 487 -5.46 -11.63 18.34
N TRP A 488 -4.77 -10.66 17.77
CA TRP A 488 -4.05 -9.63 18.54
C TRP A 488 -5.06 -8.77 19.29
N VAL A 489 -5.97 -8.15 18.56
CA VAL A 489 -6.91 -7.16 19.13
C VAL A 489 -7.91 -7.82 20.09
N GLU A 490 -8.50 -8.94 19.68
CA GLU A 490 -9.63 -9.53 20.42
C GLU A 490 -9.15 -10.56 21.44
N ASN A 491 -8.06 -11.24 21.18
CA ASN A 491 -7.69 -12.43 22.01
C ASN A 491 -6.37 -12.22 22.77
N GLY A 492 -5.68 -11.10 22.62
CA GLY A 492 -4.40 -10.88 23.32
C GLY A 492 -3.22 -11.61 22.67
N VAL A 493 -3.35 -12.17 21.46
CA VAL A 493 -2.21 -12.94 20.87
C VAL A 493 -1.26 -11.99 20.13
N VAL A 494 -0.09 -11.73 20.68
CA VAL A 494 0.88 -10.78 20.09
C VAL A 494 1.60 -11.45 18.93
N PRO A 495 1.63 -10.82 17.74
CA PRO A 495 2.29 -11.41 16.58
C PRO A 495 3.80 -11.25 16.57
N THR A 496 4.47 -11.98 17.45
CA THR A 496 5.95 -11.90 17.52
C THR A 496 6.56 -11.96 16.13
N THR A 497 6.27 -13.00 15.38
CA THR A 497 6.54 -13.07 13.93
C THR A 497 5.19 -12.94 13.22
N LEU A 498 5.19 -12.50 11.97
CA LEU A 498 3.93 -12.46 11.20
C LEU A 498 3.77 -13.75 10.39
N ASN A 499 2.60 -14.37 10.53
CA ASN A 499 2.29 -15.61 9.82
C ASN A 499 2.41 -15.40 8.32
N ALA A 500 2.94 -16.36 7.58
CA ALA A 500 3.04 -16.26 6.11
C ALA A 500 2.93 -17.63 5.44
N THR A 501 2.65 -17.60 4.16
CA THR A 501 2.38 -18.81 3.37
C THR A 501 3.05 -18.70 2.02
N VAL A 502 3.67 -19.80 1.58
CA VAL A 502 4.21 -19.88 0.21
C VAL A 502 3.03 -20.17 -0.70
N LEU A 503 2.75 -19.28 -1.66
CA LEU A 503 1.50 -19.34 -2.44
C LEU A 503 1.72 -19.94 -3.84
N GLN A 504 2.96 -20.18 -4.22
CA GLN A 504 3.34 -20.51 -5.63
C GLN A 504 4.38 -21.65 -5.58
N GLY A 505 4.56 -22.35 -6.69
CA GLY A 505 5.72 -23.23 -6.89
C GLY A 505 5.63 -24.54 -6.14
N GLU A 506 6.75 -25.25 -6.03
CA GLU A 506 6.73 -26.65 -5.53
C GLU A 506 6.46 -26.65 -4.03
N ASN A 507 6.69 -25.54 -3.32
CA ASN A 507 6.43 -25.50 -1.86
C ASN A 507 5.09 -24.81 -1.55
N GLU A 508 4.20 -24.68 -2.53
CA GLU A 508 2.89 -24.03 -2.36
C GLU A 508 2.18 -24.63 -1.14
N GLY A 509 1.69 -23.75 -0.25
CA GLY A 509 0.94 -24.17 0.95
C GLY A 509 1.80 -24.23 2.20
N GLN A 510 3.13 -24.20 2.11
CA GLN A 510 4.03 -24.27 3.28
C GLN A 510 3.96 -22.98 4.10
N ASN A 511 4.13 -23.14 5.40
CA ASN A 511 4.14 -22.04 6.37
C ASN A 511 5.54 -21.44 6.48
N GLN A 512 5.60 -20.13 6.70
CA GLN A 512 6.81 -19.41 7.12
C GLN A 512 6.42 -18.26 8.06
N GLN A 513 7.39 -17.83 8.82
CA GLN A 513 7.22 -16.71 9.75
C GLN A 513 8.06 -15.53 9.25
N LEU A 514 7.56 -14.31 9.50
CA LEU A 514 8.31 -13.05 9.15
C LEU A 514 8.75 -12.34 10.40
N CYS A 515 10.05 -12.01 10.48
CA CYS A 515 10.67 -11.25 11.58
C CYS A 515 10.11 -9.82 11.63
N ALA A 516 9.90 -9.33 12.84
CA ALA A 516 9.45 -7.97 13.14
C ALA A 516 10.67 -7.08 13.19
N TRP A 517 10.63 -6.00 12.41
CA TRP A 517 11.63 -4.91 12.48
C TRP A 517 11.83 -4.54 13.92
N PRO A 518 13.06 -4.24 14.40
CA PRO A 518 14.30 -4.19 13.62
C PRO A 518 15.13 -5.48 13.54
N LEU A 519 14.54 -6.60 13.92
CA LEU A 519 15.20 -7.91 13.74
C LEU A 519 15.16 -8.26 12.25
N ARG A 520 16.13 -9.06 11.81
CA ARG A 520 16.18 -9.58 10.43
C ARG A 520 16.25 -11.11 10.44
N PRO A 521 15.80 -11.79 9.38
CA PRO A 521 15.81 -13.26 9.35
C PRO A 521 17.21 -13.81 9.07
N LEU A 522 17.55 -14.88 9.76
CA LEU A 522 18.79 -15.63 9.43
C LEU A 522 18.50 -17.11 9.69
N TRP A 523 18.68 -17.92 8.67
CA TRP A 523 18.47 -19.39 8.81
C TRP A 523 19.80 -20.05 9.22
N THR A 524 19.69 -21.03 10.10
CA THR A 524 20.81 -21.88 10.59
C THR A 524 20.51 -23.34 10.26
N ASN A 525 21.49 -24.22 10.48
CA ASN A 525 21.27 -25.69 10.40
C ASN A 525 20.86 -26.05 8.98
N ASN A 526 21.70 -25.69 8.01
CA ASN A 526 21.45 -26.03 6.59
C ASN A 526 20.04 -25.58 6.19
N GLY A 527 19.68 -24.33 6.51
CA GLY A 527 18.45 -23.71 5.99
C GLY A 527 17.19 -24.27 6.60
N THR A 528 17.29 -24.84 7.80
CA THR A 528 16.14 -25.58 8.37
C THR A 528 15.50 -24.79 9.51
N THR A 529 16.26 -23.99 10.26
CA THR A 529 15.69 -23.26 11.42
C THR A 529 15.90 -21.75 11.23
N MET A 530 14.82 -21.00 11.36
CA MET A 530 14.86 -19.53 11.16
C MET A 530 14.96 -18.83 12.52
N GLU A 531 15.89 -17.88 12.61
CA GLU A 531 16.00 -17.00 13.79
C GLU A 531 15.77 -15.56 13.32
N CYS A 532 15.37 -14.73 14.25
CA CYS A 532 15.20 -13.27 14.05
C CYS A 532 16.32 -12.61 14.85
N VAL A 533 17.26 -11.98 14.16
CA VAL A 533 18.52 -11.54 14.78
C VAL A 533 18.66 -10.02 14.72
N TYR A 534 19.36 -9.51 15.70
CA TYR A 534 19.75 -8.09 15.79
C TYR A 534 21.11 -7.91 15.14
N ASN A 535 21.19 -7.13 14.07
CA ASN A 535 22.45 -6.92 13.31
C ASN A 535 22.58 -5.44 12.97
N GLN A 536 23.36 -4.72 13.75
CA GLN A 536 23.46 -3.24 13.65
C GLN A 536 23.84 -2.82 12.23
N ARG A 537 24.77 -3.49 11.61
CA ARG A 537 25.25 -3.12 10.26
C ARG A 537 24.06 -3.19 9.29
N SER A 538 23.25 -4.23 9.36
CA SER A 538 22.05 -4.37 8.50
C SER A 538 21.06 -3.25 8.84
N ILE A 539 20.78 -3.02 10.12
CA ILE A 539 19.77 -2.01 10.53
C ILE A 539 20.21 -0.67 9.94
N ASP A 540 21.51 -0.36 10.04
CA ASP A 540 22.03 0.95 9.58
C ASP A 540 21.83 1.08 8.08
N SER A 541 21.86 0.00 7.31
CA SER A 541 21.74 0.05 5.83
C SER A 541 20.33 0.53 5.41
N TRP A 542 19.35 0.43 6.32
CA TRP A 542 17.95 0.81 6.02
C TRP A 542 17.69 2.27 6.40
N HIS A 543 18.67 2.95 6.96
CA HIS A 543 18.47 4.31 7.50
C HIS A 543 19.20 5.29 6.59
N TYR A 544 18.52 6.36 6.21
CA TYR A 544 19.07 7.33 5.24
C TYR A 544 19.04 8.74 5.81
N ASP A 545 20.13 9.46 5.58
CA ASP A 545 20.26 10.88 5.93
C ASP A 545 19.91 11.70 4.68
N LEU A 546 18.74 12.31 4.64
CA LEU A 546 18.30 13.08 3.45
C LEU A 546 18.85 14.50 3.58
N ASP A 547 20.17 14.63 3.49
CA ASP A 547 20.82 15.93 3.79
C ASP A 547 20.62 16.97 2.67
N ALA A 548 20.03 16.63 1.52
CA ALA A 548 19.61 17.61 0.51
C ALA A 548 18.39 18.42 0.97
N VAL A 549 17.64 17.91 1.93
CA VAL A 549 16.32 18.46 2.29
C VAL A 549 16.41 19.13 3.64
N PRO A 550 16.27 20.48 3.75
CA PRO A 550 16.43 21.13 5.07
C PRO A 550 15.36 20.68 6.10
N MET A 551 14.15 20.45 5.62
CA MET A 551 13.03 20.04 6.52
C MET A 551 13.28 18.60 6.92
N PRO A 552 12.82 18.17 8.12
CA PRO A 552 12.70 16.76 8.43
C PRO A 552 11.70 16.14 7.45
N VAL A 553 12.07 14.97 6.97
CA VAL A 553 11.18 14.21 6.08
C VAL A 553 10.76 12.95 6.85
N TYR A 554 9.55 12.96 7.38
CA TYR A 554 9.07 11.78 8.16
C TYR A 554 8.72 10.66 7.20
#